data_6JVT
#
_entry.id   6JVT
#
_cell.length_a   59.204
_cell.length_b   67.712
_cell.length_c   79.571
_cell.angle_alpha   90.000
_cell.angle_beta   90.000
_cell.angle_gamma   90.000
#
_symmetry.space_group_name_H-M   'P 21 21 21'
#
loop_
_entity.id
_entity.type
_entity.pdbx_description
1 polymer '7,8-dihydro-8-oxoguanine triphosphatase'
2 non-polymer N4-methyl-6-[4-(oxetan-3-yl)piperazin-1-yl]pyrimidine-2,4-diamine
3 water water
#
_entity_poly.entity_id   1
_entity_poly.type   'polypeptide(L)'
_entity_poly.pdbx_seq_one_letter_code
;MGASRLYTLVLVLQPQRVLLGMKKRGFGAGRWNGFGGKVQEGETIEDGARRELQEESGLTVDALHKVGQIVFEFVGEPEL
MDVHVFCTDSIQGTPVESDEMRPCWFQLDQIPFKDMWPDDSYWFPLLLQKKKFHGYFKFQGQDTILDYTLREVDTV
;
_entity_poly.pdbx_strand_id   A,B
#
loop_
_chem_comp.id
_chem_comp.type
_chem_comp.name
_chem_comp.formula
CJR non-polymer N4-methyl-6-[4-(oxetan-3-yl)piperazin-1-yl]pyrimidine-2,4-diamine 'C12 H20 N6 O'
#
# COMPACT_ATOMS: atom_id res chain seq x y z
N ALA A 3 -13.40 -15.56 0.34
CA ALA A 3 -14.78 -15.18 0.62
C ALA A 3 -14.83 -13.80 1.29
N SER A 4 -15.66 -12.93 0.74
CA SER A 4 -15.76 -11.57 1.23
C SER A 4 -17.24 -11.18 1.28
N ARG A 5 -17.52 -10.14 2.07
CA ARG A 5 -18.87 -9.60 2.16
C ARG A 5 -18.84 -8.15 1.69
N LEU A 6 -19.84 -7.76 0.92
CA LEU A 6 -19.86 -6.43 0.32
C LEU A 6 -20.43 -5.38 1.27
N TYR A 7 -19.74 -4.24 1.35
CA TYR A 7 -20.16 -3.08 2.12
C TYR A 7 -20.00 -1.84 1.27
N THR A 8 -20.72 -0.78 1.65
CA THR A 8 -20.62 0.51 1.00
C THR A 8 -20.16 1.58 1.99
N LEU A 9 -19.59 2.64 1.44
CA LEU A 9 -19.19 3.80 2.22
C LEU A 9 -19.32 5.02 1.31
N VAL A 10 -20.05 6.04 1.78
CA VAL A 10 -20.33 7.22 0.96
C VAL A 10 -19.79 8.47 1.64
N LEU A 11 -18.97 9.21 0.92
CA LEU A 11 -18.42 10.48 1.38
C LEU A 11 -19.00 11.62 0.54
N VAL A 12 -19.72 12.53 1.19
CA VAL A 12 -20.20 13.74 0.54
C VAL A 12 -19.12 14.79 0.70
N LEU A 13 -18.40 15.07 -0.40
CA LEU A 13 -17.21 15.91 -0.37
C LEU A 13 -17.48 17.13 -1.24
N GLN A 14 -17.56 18.29 -0.60
CA GLN A 14 -17.80 19.55 -1.27
C GLN A 14 -16.53 20.40 -1.21
N PRO A 15 -16.42 21.45 -2.02
CA PRO A 15 -15.14 22.15 -2.17
C PRO A 15 -14.44 22.49 -0.87
N GLN A 16 -15.19 22.84 0.19
CA GLN A 16 -14.58 23.24 1.45
C GLN A 16 -15.01 22.38 2.63
N ARG A 17 -15.73 21.29 2.41
CA ARG A 17 -16.20 20.56 3.60
C ARG A 17 -16.55 19.13 3.21
N VAL A 18 -16.54 18.25 4.20
CA VAL A 18 -16.95 16.85 3.99
C VAL A 18 -17.95 16.47 5.07
N LEU A 19 -18.95 15.68 4.71
CA LEU A 19 -19.98 15.26 5.65
C LEU A 19 -19.59 13.92 6.28
N LEU A 20 -19.62 13.85 7.61
CA LEU A 20 -19.39 12.60 8.31
C LEU A 20 -20.54 12.35 9.28
N GLY A 21 -20.67 11.11 9.71
CA GLY A 21 -21.66 10.74 10.72
C GLY A 21 -21.01 10.06 11.90
N MET A 22 -21.44 10.43 13.10
CA MET A 22 -21.01 9.74 14.31
C MET A 22 -21.90 8.50 14.49
N LYS A 23 -21.27 7.32 14.42
CA LYS A 23 -22.00 6.06 14.53
C LYS A 23 -22.44 5.86 15.97
N LYS A 24 -23.75 5.70 16.16
CA LYS A 24 -24.34 5.73 17.49
C LYS A 24 -24.50 4.34 18.11
N ARG A 25 -24.47 3.30 17.30
CA ARG A 25 -24.70 1.95 17.81
C ARG A 25 -23.99 0.98 16.87
N GLY A 26 -23.82 -0.25 17.34
CA GLY A 26 -23.30 -1.30 16.49
C GLY A 26 -21.82 -1.21 16.19
N PHE A 27 -21.43 -1.85 15.08
CA PHE A 27 -20.02 -1.96 14.72
C PHE A 27 -19.45 -0.59 14.39
N GLY A 28 -18.37 -0.22 15.08
CA GLY A 28 -17.75 1.08 14.86
C GLY A 28 -18.42 2.25 15.57
N ALA A 29 -19.36 1.98 16.47
CA ALA A 29 -19.96 3.05 17.28
C ALA A 29 -18.88 3.85 17.99
N GLY A 30 -19.08 5.16 18.03
CA GLY A 30 -18.13 6.06 18.63
C GLY A 30 -17.16 6.68 17.66
N ARG A 31 -17.24 6.32 16.37
CA ARG A 31 -16.34 6.86 15.36
C ARG A 31 -17.13 7.60 14.28
N TRP A 32 -16.59 8.73 13.84
CA TRP A 32 -17.07 9.39 12.64
C TRP A 32 -16.71 8.56 11.42
N ASN A 33 -17.60 8.57 10.43
CA ASN A 33 -17.35 7.80 9.20
C ASN A 33 -18.28 8.32 8.13
N GLY A 34 -18.06 7.86 6.89
CA GLY A 34 -19.03 8.07 5.84
C GLY A 34 -20.24 7.20 6.12
N PHE A 35 -21.22 7.28 5.22
CA PHE A 35 -22.47 6.54 5.41
C PHE A 35 -22.45 5.26 4.60
N GLY A 36 -23.04 4.20 5.14
CA GLY A 36 -23.05 2.94 4.44
C GLY A 36 -23.37 1.76 5.34
N GLY A 37 -23.23 0.58 4.75
CA GLY A 37 -23.50 -0.65 5.47
C GLY A 37 -23.42 -1.83 4.52
N LYS A 38 -24.00 -2.94 4.95
CA LYS A 38 -23.97 -4.14 4.12
C LYS A 38 -24.81 -3.95 2.86
N VAL A 39 -24.36 -4.57 1.77
CA VAL A 39 -25.10 -4.62 0.52
C VAL A 39 -26.03 -5.82 0.62
N GLN A 40 -27.29 -5.62 0.27
CA GLN A 40 -28.29 -6.66 0.41
C GLN A 40 -28.35 -7.52 -0.85
N GLU A 41 -28.81 -8.77 -0.67
CA GLU A 41 -29.20 -9.56 -1.82
C GLU A 41 -30.32 -8.84 -2.57
N GLY A 42 -30.20 -8.78 -3.89
CA GLY A 42 -31.23 -8.14 -4.71
C GLY A 42 -31.03 -6.68 -5.03
N GLU A 43 -29.92 -6.08 -4.59
CA GLU A 43 -29.63 -4.69 -4.93
C GLU A 43 -28.20 -4.59 -5.43
N THR A 44 -27.96 -3.64 -6.33
CA THR A 44 -26.59 -3.40 -6.75
C THR A 44 -25.80 -2.73 -5.62
N ILE A 45 -24.48 -2.73 -5.76
CA ILE A 45 -23.65 -2.04 -4.77
C ILE A 45 -24.06 -0.57 -4.68
N GLU A 46 -24.20 0.10 -5.83
CA GLU A 46 -24.53 1.53 -5.77
C GLU A 46 -25.93 1.75 -5.21
N ASP A 47 -26.90 0.87 -5.53
CA ASP A 47 -28.21 0.94 -4.91
C ASP A 47 -28.12 0.85 -3.40
N GLY A 48 -27.31 -0.08 -2.90
CA GLY A 48 -27.17 -0.21 -1.47
C GLY A 48 -26.52 1.01 -0.84
N ALA A 49 -25.56 1.62 -1.55
CA ALA A 49 -24.93 2.82 -1.02
C ALA A 49 -25.94 3.95 -0.91
N ARG A 50 -26.77 4.13 -1.95
CA ARG A 50 -27.81 5.16 -1.87
C ARG A 50 -28.81 4.84 -0.77
N ARG A 51 -29.20 3.57 -0.66
CA ARG A 51 -30.17 3.18 0.36
C ARG A 51 -29.65 3.49 1.75
N GLU A 52 -28.38 3.15 2.01
CA GLU A 52 -27.83 3.40 3.35
C GLU A 52 -27.65 4.88 3.60
N LEU A 53 -27.28 5.65 2.57
CA LEU A 53 -27.19 7.09 2.76
C LEU A 53 -28.55 7.68 3.16
N GLN A 54 -29.61 7.27 2.46
CA GLN A 54 -30.95 7.76 2.81
C GLN A 54 -31.38 7.29 4.19
N GLU A 55 -31.14 6.00 4.52
CA GLU A 55 -31.55 5.50 5.83
C GLU A 55 -30.83 6.24 6.97
N GLU A 56 -29.56 6.58 6.76
CA GLU A 56 -28.72 7.08 7.83
C GLU A 56 -28.72 8.59 7.94
N SER A 57 -29.04 9.30 6.85
CA SER A 57 -29.00 10.74 6.85
C SER A 57 -30.22 11.40 6.22
N GLY A 58 -31.12 10.63 5.60
CA GLY A 58 -32.23 11.22 4.86
C GLY A 58 -31.86 11.77 3.50
N LEU A 59 -30.57 11.79 3.16
CA LEU A 59 -30.11 12.41 1.93
C LEU A 59 -30.31 11.48 0.74
N THR A 60 -30.62 12.09 -0.40
CA THR A 60 -30.54 11.43 -1.68
C THR A 60 -29.49 12.14 -2.54
N VAL A 61 -29.10 11.49 -3.62
CA VAL A 61 -27.98 11.96 -4.42
C VAL A 61 -28.32 11.76 -5.88
N ASP A 62 -27.85 12.68 -6.72
CA ASP A 62 -28.02 12.53 -8.15
C ASP A 62 -27.09 11.45 -8.70
N ALA A 63 -25.79 11.62 -8.47
CA ALA A 63 -24.77 10.72 -9.00
C ALA A 63 -23.78 10.37 -7.89
N LEU A 64 -23.44 9.08 -7.81
CA LEU A 64 -22.36 8.59 -6.96
C LEU A 64 -21.19 8.17 -7.83
N HIS A 65 -19.97 8.53 -7.43
CA HIS A 65 -18.77 8.20 -8.19
C HIS A 65 -17.94 7.21 -7.40
N LYS A 66 -17.49 6.15 -8.08
CA LYS A 66 -16.58 5.18 -7.44
C LYS A 66 -15.23 5.83 -7.22
N VAL A 67 -14.76 5.83 -5.97
CA VAL A 67 -13.45 6.39 -5.68
C VAL A 67 -12.49 5.38 -5.04
N GLY A 68 -12.99 4.29 -4.45
CA GLY A 68 -12.02 3.39 -3.85
C GLY A 68 -12.60 2.04 -3.53
N GLN A 69 -11.69 1.11 -3.24
CA GLN A 69 -12.06 -0.18 -2.69
C GLN A 69 -11.11 -0.50 -1.57
N ILE A 70 -11.62 -0.90 -0.42
CA ILE A 70 -10.78 -1.27 0.71
C ILE A 70 -11.21 -2.63 1.20
N VAL A 71 -10.26 -3.56 1.28
CA VAL A 71 -10.49 -4.90 1.82
C VAL A 71 -9.92 -4.97 3.22
N PHE A 72 -10.71 -5.52 4.16
CA PHE A 72 -10.30 -5.67 5.55
C PHE A 72 -10.31 -7.14 5.94
N GLU A 73 -9.24 -7.55 6.61
CA GLU A 73 -9.19 -8.79 7.36
C GLU A 73 -9.23 -8.45 8.83
N PHE A 74 -10.12 -9.10 9.57
CA PHE A 74 -10.10 -9.06 11.02
C PHE A 74 -9.62 -10.42 11.49
N VAL A 75 -8.55 -10.44 12.28
CA VAL A 75 -7.99 -11.68 12.76
C VAL A 75 -9.07 -12.50 13.45
N GLY A 76 -9.14 -13.79 13.09
CA GLY A 76 -10.12 -14.70 13.65
C GLY A 76 -11.49 -14.67 13.02
N GLU A 77 -11.73 -13.78 12.06
CA GLU A 77 -13.03 -13.67 11.40
C GLU A 77 -12.89 -14.20 9.99
N PRO A 78 -13.68 -15.18 9.56
CA PRO A 78 -13.41 -15.83 8.26
C PRO A 78 -13.68 -14.96 7.06
N GLU A 79 -14.67 -14.07 7.11
CA GLU A 79 -15.07 -13.30 5.94
C GLU A 79 -14.25 -12.03 5.86
N LEU A 80 -13.69 -11.75 4.69
CA LEU A 80 -13.10 -10.44 4.45
C LEU A 80 -14.23 -9.42 4.22
N MET A 81 -14.00 -8.19 4.66
CA MET A 81 -14.93 -7.09 4.39
C MET A 81 -14.47 -6.30 3.18
N ASP A 82 -15.30 -6.26 2.15
CA ASP A 82 -14.98 -5.61 0.89
C ASP A 82 -15.80 -4.33 0.80
N VAL A 83 -15.18 -3.20 1.12
CA VAL A 83 -15.86 -1.91 1.23
C VAL A 83 -15.67 -1.15 -0.08
N HIS A 84 -16.76 -0.86 -0.76
CA HIS A 84 -16.72 -0.03 -1.95
C HIS A 84 -17.02 1.41 -1.56
N VAL A 85 -16.07 2.31 -1.84
CA VAL A 85 -16.13 3.69 -1.40
C VAL A 85 -16.56 4.58 -2.56
N PHE A 86 -17.54 5.43 -2.28
CA PHE A 86 -18.16 6.36 -3.22
C PHE A 86 -18.04 7.78 -2.71
N CYS A 87 -17.98 8.73 -3.63
CA CYS A 87 -18.05 10.13 -3.25
C CYS A 87 -19.08 10.82 -4.12
N THR A 88 -19.62 11.91 -3.58
CA THR A 88 -20.50 12.77 -4.35
C THR A 88 -20.26 14.19 -3.88
N ASP A 89 -20.45 15.15 -4.78
CA ASP A 89 -20.39 16.55 -4.39
C ASP A 89 -21.76 17.17 -4.26
N SER A 90 -22.73 16.75 -5.07
CA SER A 90 -24.08 17.30 -5.05
C SER A 90 -25.01 16.38 -4.26
N ILE A 91 -25.57 16.88 -3.16
CA ILE A 91 -26.55 16.13 -2.40
C ILE A 91 -27.89 16.81 -2.50
N GLN A 92 -28.94 16.03 -2.25
CA GLN A 92 -30.31 16.50 -2.21
C GLN A 92 -30.82 16.39 -0.79
N GLY A 93 -31.17 17.54 -0.21
CA GLY A 93 -31.69 17.63 1.13
C GLY A 93 -30.67 18.19 2.12
N THR A 94 -31.10 18.23 3.36
CA THR A 94 -30.29 18.62 4.49
C THR A 94 -30.10 17.40 5.38
N PRO A 95 -28.90 17.09 5.84
CA PRO A 95 -28.73 15.82 6.56
C PRO A 95 -29.42 15.87 7.92
N VAL A 96 -29.99 14.75 8.33
CA VAL A 96 -30.71 14.71 9.59
C VAL A 96 -30.26 13.47 10.35
N GLU A 97 -30.37 13.57 11.67
CA GLU A 97 -29.91 12.48 12.52
C GLU A 97 -30.82 11.28 12.35
N SER A 98 -30.23 10.08 12.37
CA SER A 98 -30.96 8.82 12.37
C SER A 98 -30.63 8.06 13.65
N ASP A 99 -31.22 6.86 13.80
CA ASP A 99 -30.88 6.03 14.94
C ASP A 99 -29.42 5.58 14.87
N GLU A 100 -28.86 5.47 13.67
CA GLU A 100 -27.49 4.98 13.52
C GLU A 100 -26.45 6.08 13.46
N MET A 101 -26.79 7.27 12.95
CA MET A 101 -25.78 8.24 12.59
C MET A 101 -26.20 9.65 12.98
N ARG A 102 -25.24 10.40 13.56
CA ARG A 102 -25.37 11.84 13.82
C ARG A 102 -24.49 12.64 12.84
N PRO A 103 -25.07 13.32 11.85
CA PRO A 103 -24.25 13.97 10.81
C PRO A 103 -23.73 15.35 11.19
N CYS A 104 -22.54 15.65 10.70
CA CYS A 104 -21.88 16.92 10.92
C CYS A 104 -20.93 17.20 9.75
N TRP A 105 -20.90 18.45 9.29
CA TRP A 105 -19.92 18.86 8.29
C TRP A 105 -18.60 19.20 8.95
N PHE A 106 -17.49 18.81 8.32
CA PHE A 106 -16.15 19.11 8.82
C PHE A 106 -15.36 19.87 7.76
N GLN A 107 -14.64 20.90 8.20
CA GLN A 107 -13.73 21.57 7.30
C GLN A 107 -12.62 20.59 6.91
N LEU A 108 -12.10 20.75 5.69
CA LEU A 108 -11.19 19.74 5.15
C LEU A 108 -9.87 19.69 5.89
N ASP A 109 -9.51 20.74 6.62
CA ASP A 109 -8.31 20.71 7.46
C ASP A 109 -8.64 20.39 8.92
N GLN A 110 -9.87 19.95 9.21
CA GLN A 110 -10.29 19.61 10.57
C GLN A 110 -10.94 18.22 10.63
N ILE A 111 -10.47 17.32 9.79
CA ILE A 111 -11.03 15.96 9.78
C ILE A 111 -10.62 15.23 11.07
N PRO A 112 -11.59 14.64 11.82
CA PRO A 112 -11.30 14.14 13.19
C PRO A 112 -10.70 12.74 13.18
N PHE A 113 -9.47 12.65 12.67
CA PHE A 113 -8.89 11.33 12.42
C PHE A 113 -8.76 10.52 13.68
N LYS A 114 -8.48 11.17 14.82
CA LYS A 114 -8.33 10.42 16.05
C LYS A 114 -9.61 9.72 16.45
N ASP A 115 -10.77 10.20 15.98
CA ASP A 115 -12.06 9.60 16.29
C ASP A 115 -12.69 8.94 15.07
N MET A 116 -11.86 8.45 14.15
CA MET A 116 -12.28 7.69 12.97
C MET A 116 -11.57 6.35 12.99
N TRP A 117 -12.03 5.43 12.15
CA TRP A 117 -11.28 4.19 11.97
C TRP A 117 -9.82 4.50 11.65
N PRO A 118 -8.86 3.77 12.24
CA PRO A 118 -7.44 4.10 12.02
C PRO A 118 -7.03 4.08 10.56
N ASP A 119 -7.66 3.22 9.76
CA ASP A 119 -7.26 3.13 8.35
C ASP A 119 -7.55 4.42 7.59
N ASP A 120 -8.55 5.19 8.05
CA ASP A 120 -8.90 6.42 7.34
C ASP A 120 -7.69 7.34 7.22
N SER A 121 -6.86 7.37 8.27
CA SER A 121 -5.70 8.26 8.27
C SER A 121 -4.80 8.00 7.07
N TYR A 122 -4.81 6.77 6.55
CA TYR A 122 -4.00 6.39 5.40
C TYR A 122 -4.68 6.72 4.08
N TRP A 123 -5.98 6.42 3.94
CA TRP A 123 -6.56 6.54 2.61
C TRP A 123 -7.42 7.77 2.42
N PHE A 124 -7.91 8.36 3.51
CA PHE A 124 -8.71 9.58 3.39
C PHE A 124 -7.97 10.70 2.67
N PRO A 125 -6.67 10.93 2.89
CA PRO A 125 -5.98 11.95 2.10
C PRO A 125 -6.11 11.71 0.60
N LEU A 126 -5.98 10.46 0.18
CA LEU A 126 -6.10 10.15 -1.24
C LEU A 126 -7.50 10.50 -1.75
N LEU A 127 -8.52 10.24 -0.94
CA LEU A 127 -9.87 10.67 -1.32
C LEU A 127 -9.92 12.19 -1.50
N LEU A 128 -9.39 12.93 -0.52
CA LEU A 128 -9.47 14.39 -0.59
C LEU A 128 -8.68 14.93 -1.76
N GLN A 129 -7.64 14.23 -2.16
CA GLN A 129 -6.81 14.59 -3.30
C GLN A 129 -7.40 14.10 -4.61
N LYS A 130 -8.62 13.56 -4.57
CA LYS A 130 -9.34 13.10 -5.76
C LYS A 130 -8.54 12.08 -6.56
N LYS A 131 -7.84 11.19 -5.85
CA LYS A 131 -7.17 10.04 -6.43
C LYS A 131 -8.00 8.80 -6.15
N LYS A 132 -8.06 7.86 -7.10
CA LYS A 132 -8.74 6.59 -6.84
C LYS A 132 -7.73 5.62 -6.22
N PHE A 133 -8.23 4.69 -5.40
CA PHE A 133 -7.29 3.87 -4.62
C PHE A 133 -7.86 2.50 -4.35
N HIS A 134 -6.93 1.55 -4.17
CA HIS A 134 -7.23 0.23 -3.61
C HIS A 134 -6.42 0.09 -2.32
N GLY A 135 -7.10 -0.29 -1.24
CA GLY A 135 -6.43 -0.52 0.02
C GLY A 135 -6.76 -1.88 0.59
N TYR A 136 -5.86 -2.34 1.46
CA TYR A 136 -6.04 -3.58 2.21
C TYR A 136 -5.51 -3.33 3.62
N PHE A 137 -6.32 -3.65 4.63
CA PHE A 137 -5.91 -3.46 6.01
C PHE A 137 -6.27 -4.70 6.81
N LYS A 138 -5.28 -5.22 7.54
CA LYS A 138 -5.46 -6.34 8.45
C LYS A 138 -5.50 -5.83 9.87
N PHE A 139 -6.62 -6.06 10.56
CA PHE A 139 -6.86 -5.57 11.91
C PHE A 139 -6.79 -6.69 12.94
N GLN A 140 -6.20 -6.40 14.09
CA GLN A 140 -6.39 -7.18 15.31
C GLN A 140 -7.34 -6.36 16.18
N GLY A 141 -8.56 -6.85 16.35
CA GLY A 141 -9.57 -6.04 17.02
C GLY A 141 -9.95 -4.84 16.18
N GLN A 142 -10.42 -3.78 16.85
CA GLN A 142 -10.90 -2.60 16.15
C GLN A 142 -9.89 -1.46 16.11
N ASP A 143 -8.75 -1.58 16.81
CA ASP A 143 -7.83 -0.46 16.98
C ASP A 143 -6.46 -0.62 16.33
N THR A 144 -6.05 -1.83 15.98
CA THR A 144 -4.65 -2.12 15.68
C THR A 144 -4.52 -2.63 14.25
N ILE A 145 -3.84 -1.86 13.40
CA ILE A 145 -3.50 -2.30 12.06
C ILE A 145 -2.21 -3.09 12.12
N LEU A 146 -2.26 -4.36 11.70
CA LEU A 146 -1.10 -5.24 11.67
C LEU A 146 -0.35 -5.19 10.34
N ASP A 147 -1.09 -5.20 9.22
CA ASP A 147 -0.53 -5.07 7.89
C ASP A 147 -1.43 -4.16 7.07
N TYR A 148 -0.86 -3.53 6.05
CA TYR A 148 -1.72 -2.83 5.11
C TYR A 148 -0.97 -2.63 3.80
N THR A 149 -1.75 -2.48 2.73
CA THR A 149 -1.26 -2.04 1.43
C THR A 149 -2.16 -0.90 0.95
N LEU A 150 -1.59 0.00 0.16
CA LEU A 150 -2.36 1.11 -0.39
C LEU A 150 -1.74 1.54 -1.70
N ARG A 151 -2.54 1.58 -2.76
CA ARG A 151 -2.05 2.02 -4.06
C ARG A 151 -3.10 2.89 -4.74
N GLU A 152 -2.64 3.85 -5.55
CA GLU A 152 -3.52 4.55 -6.47
C GLU A 152 -3.81 3.67 -7.68
N VAL A 153 -5.05 3.75 -8.19
CA VAL A 153 -5.46 2.97 -9.36
C VAL A 153 -6.11 3.90 -10.37
N ASP A 154 -6.21 3.42 -11.60
CA ASP A 154 -6.94 4.14 -12.64
C ASP A 154 -8.39 3.67 -12.74
N THR A 155 -8.64 2.41 -12.41
CA THR A 155 -9.99 1.85 -12.38
C THR A 155 -10.25 1.30 -10.99
N VAL A 156 -11.28 1.80 -10.32
CA VAL A 156 -11.66 1.28 -9.02
C VAL A 156 -12.19 -0.15 -9.15
N GLY B 2 14.22 3.15 14.82
CA GLY B 2 15.38 2.52 15.40
C GLY B 2 16.64 2.62 14.55
N ALA B 3 17.76 2.19 15.12
CA ALA B 3 19.03 2.21 14.41
C ALA B 3 18.94 1.37 13.14
N SER B 4 19.38 1.96 12.02
CA SER B 4 19.30 1.27 10.74
C SER B 4 20.61 1.48 9.96
N ARG B 5 20.82 0.60 8.99
CA ARG B 5 21.95 0.64 8.08
C ARG B 5 21.44 0.72 6.65
N LEU B 6 22.14 1.50 5.82
CA LEU B 6 21.72 1.75 4.43
C LEU B 6 22.24 0.65 3.51
N TYR B 7 21.35 0.14 2.65
CA TYR B 7 21.70 -0.83 1.62
C TYR B 7 21.11 -0.37 0.30
N THR B 8 21.65 -0.90 -0.80
CA THR B 8 21.13 -0.60 -2.13
C THR B 8 20.62 -1.87 -2.78
N LEU B 9 19.72 -1.69 -3.73
CA LEU B 9 19.20 -2.79 -4.51
C LEU B 9 18.88 -2.25 -5.89
N VAL B 10 19.43 -2.87 -6.93
CA VAL B 10 19.27 -2.39 -8.30
C VAL B 10 18.62 -3.47 -9.15
N LEU B 11 17.52 -3.12 -9.81
CA LEU B 11 16.83 -4.01 -10.74
C LEU B 11 16.96 -3.43 -12.14
N VAL B 12 17.56 -4.20 -13.05
CA VAL B 12 17.61 -3.84 -14.45
C VAL B 12 16.36 -4.41 -15.11
N LEU B 13 15.43 -3.53 -15.45
CA LEU B 13 14.11 -3.95 -15.91
C LEU B 13 13.83 -3.55 -17.36
N VAL B 18 13.76 -9.06 -16.94
CA VAL B 18 14.46 -8.43 -15.80
C VAL B 18 15.73 -9.20 -15.43
N LEU B 19 16.78 -8.47 -15.04
CA LEU B 19 18.06 -9.08 -14.72
C LEU B 19 18.16 -9.37 -13.22
N LEU B 20 18.48 -10.61 -12.87
CA LEU B 20 18.66 -10.94 -11.46
C LEU B 20 20.04 -11.59 -11.30
N GLY B 21 20.53 -11.61 -10.07
CA GLY B 21 21.80 -12.26 -9.76
C GLY B 21 21.60 -13.30 -8.67
N MET B 22 22.17 -14.48 -8.88
CA MET B 22 22.15 -15.53 -7.87
C MET B 22 23.31 -15.31 -6.91
N LYS B 23 22.98 -15.07 -5.64
CA LYS B 23 23.96 -14.78 -4.61
C LYS B 23 24.72 -16.04 -4.22
N LYS B 24 26.04 -15.99 -4.31
CA LYS B 24 26.85 -17.18 -4.15
C LYS B 24 27.33 -17.39 -2.71
N ARG B 25 27.21 -16.38 -1.86
CA ARG B 25 27.91 -16.37 -0.58
C ARG B 25 27.36 -15.24 0.27
N GLY B 26 27.26 -15.48 1.57
CA GLY B 26 26.89 -14.43 2.50
C GLY B 26 25.39 -14.31 2.69
N PHE B 27 24.98 -13.12 3.10
CA PHE B 27 23.57 -12.86 3.41
C PHE B 27 22.74 -13.03 2.15
N GLY B 28 21.73 -13.90 2.22
CA GLY B 28 20.88 -14.13 1.07
C GLY B 28 21.46 -15.06 0.02
N ALA B 29 22.56 -15.75 0.33
CA ALA B 29 23.11 -16.73 -0.59
C ALA B 29 22.06 -17.78 -0.95
N GLY B 30 22.04 -18.16 -2.22
CA GLY B 30 21.09 -19.13 -2.72
C GLY B 30 19.82 -18.54 -3.29
N ARG B 31 19.63 -17.23 -3.20
CA ARG B 31 18.43 -16.58 -3.70
C ARG B 31 18.77 -15.62 -4.82
N TRP B 32 17.92 -15.61 -5.83
CA TRP B 32 17.98 -14.58 -6.85
C TRP B 32 17.56 -13.24 -6.26
N ASN B 33 18.19 -12.17 -6.72
CA ASN B 33 17.90 -10.83 -6.22
C ASN B 33 18.49 -9.81 -7.20
N GLY B 34 18.14 -8.55 -7.01
CA GLY B 34 18.86 -7.48 -7.68
C GLY B 34 20.25 -7.32 -7.09
N PHE B 35 20.99 -6.36 -7.63
CA PHE B 35 22.37 -6.14 -7.25
C PHE B 35 22.48 -4.98 -6.27
N GLY B 36 23.43 -5.07 -5.34
CA GLY B 36 23.58 -4.03 -4.35
C GLY B 36 24.41 -4.49 -3.18
N GLY B 37 24.42 -3.66 -2.15
CA GLY B 37 25.20 -3.97 -0.97
C GLY B 37 25.15 -2.82 0.00
N LYS B 38 26.12 -2.82 0.91
CA LYS B 38 26.25 -1.76 1.89
C LYS B 38 26.65 -0.47 1.22
N VAL B 39 26.20 0.65 1.81
CA VAL B 39 26.61 1.99 1.37
C VAL B 39 27.79 2.45 2.21
N GLN B 40 28.82 2.98 1.55
CA GLN B 40 30.05 3.38 2.22
C GLN B 40 29.98 4.81 2.74
N GLU B 41 30.77 5.08 3.78
CA GLU B 41 31.06 6.46 4.16
C GLU B 41 31.72 7.16 2.98
N GLY B 42 31.24 8.36 2.65
CA GLY B 42 31.86 9.14 1.60
C GLY B 42 31.28 8.96 0.21
N GLU B 43 30.24 8.14 0.05
CA GLU B 43 29.58 8.00 -1.25
C GLU B 43 28.09 8.24 -1.06
N THR B 44 27.44 8.77 -2.10
CA THR B 44 25.98 8.88 -2.05
C THR B 44 25.36 7.50 -2.14
N ILE B 45 24.09 7.39 -1.75
CA ILE B 45 23.39 6.12 -1.88
C ILE B 45 23.39 5.67 -3.33
N GLU B 46 23.09 6.58 -4.26
CA GLU B 46 23.06 6.19 -5.67
C GLU B 46 24.45 5.78 -6.15
N ASP B 47 25.49 6.49 -5.69
CA ASP B 47 26.86 6.08 -6.03
C ASP B 47 27.15 4.67 -5.56
N GLY B 48 26.73 4.33 -4.33
CA GLY B 48 26.96 2.97 -3.87
C GLY B 48 26.19 1.95 -4.70
N ALA B 49 24.98 2.32 -5.14
CA ALA B 49 24.21 1.41 -5.98
C ALA B 49 24.92 1.15 -7.30
N ARG B 50 25.43 2.21 -7.93
CA ARG B 50 26.16 2.03 -9.18
C ARG B 50 27.43 1.21 -8.96
N ARG B 51 28.15 1.50 -7.88
CA ARG B 51 29.39 0.77 -7.60
C ARG B 51 29.11 -0.73 -7.44
N GLU B 52 28.07 -1.07 -6.69
CA GLU B 52 27.77 -2.48 -6.50
C GLU B 52 27.26 -3.13 -7.79
N LEU B 53 26.52 -2.37 -8.60
CA LEU B 53 26.07 -2.91 -9.88
C LEU B 53 27.26 -3.26 -10.77
N GLN B 54 28.24 -2.36 -10.86
CA GLN B 54 29.42 -2.63 -11.66
C GLN B 54 30.22 -3.79 -11.10
N GLU B 55 30.43 -3.81 -9.78
CA GLU B 55 31.21 -4.87 -9.16
C GLU B 55 30.55 -6.24 -9.36
N GLU B 56 29.24 -6.32 -9.20
CA GLU B 56 28.58 -7.62 -9.19
C GLU B 56 28.19 -8.12 -10.57
N SER B 57 28.02 -7.23 -11.54
CA SER B 57 27.57 -7.61 -12.86
C SER B 57 28.41 -7.04 -13.99
N GLY B 58 29.34 -6.13 -13.71
CA GLY B 58 30.09 -5.45 -14.74
C GLY B 58 29.38 -4.30 -15.43
N LEU B 59 28.10 -4.09 -15.18
CA LEU B 59 27.34 -3.08 -15.89
C LEU B 59 27.58 -1.67 -15.34
N THR B 60 27.61 -0.70 -16.25
CA THR B 60 27.48 0.71 -15.90
C THR B 60 26.23 1.24 -16.58
N VAL B 61 25.73 2.37 -16.10
CA VAL B 61 24.42 2.87 -16.48
C VAL B 61 24.44 4.38 -16.61
N ASP B 62 23.65 4.92 -17.53
CA ASP B 62 23.51 6.37 -17.60
C ASP B 62 22.69 6.91 -16.44
N ALA B 63 21.48 6.40 -16.26
CA ALA B 63 20.61 6.91 -15.21
C ALA B 63 20.02 5.77 -14.39
N LEU B 64 20.10 5.91 -13.06
CA LEU B 64 19.38 5.04 -12.13
C LEU B 64 18.24 5.85 -11.57
N HIS B 65 17.06 5.25 -11.52
CA HIS B 65 15.88 5.93 -11.03
C HIS B 65 15.55 5.36 -9.66
N LYS B 66 15.30 6.26 -8.70
CA LYS B 66 14.80 5.87 -7.39
C LYS B 66 13.39 5.34 -7.55
N VAL B 67 13.16 4.09 -7.15
CA VAL B 67 11.82 3.53 -7.22
C VAL B 67 11.29 3.08 -5.88
N GLY B 68 12.12 2.86 -4.87
CA GLY B 68 11.51 2.41 -3.63
C GLY B 68 12.44 2.50 -2.45
N GLN B 69 11.84 2.38 -1.27
CA GLN B 69 12.57 2.17 -0.03
C GLN B 69 11.85 1.09 0.74
N ILE B 70 12.59 0.09 1.20
CA ILE B 70 12.02 -0.97 2.02
C ILE B 70 12.85 -1.10 3.27
N VAL B 71 12.19 -1.06 4.43
CA VAL B 71 12.86 -1.29 5.69
C VAL B 71 12.57 -2.72 6.11
N PHE B 72 13.61 -3.45 6.49
CA PHE B 72 13.48 -4.82 6.96
C PHE B 72 13.91 -4.88 8.42
N GLU B 73 13.06 -5.46 9.24
CA GLU B 73 13.38 -5.75 10.63
C GLU B 73 13.41 -7.25 10.80
N PHE B 74 14.50 -7.76 11.38
CA PHE B 74 14.65 -9.17 11.68
C PHE B 74 14.58 -9.37 13.18
N VAL B 75 13.66 -10.24 13.63
CA VAL B 75 13.53 -10.54 15.05
C VAL B 75 14.88 -10.98 15.58
N GLY B 76 15.27 -10.42 16.73
CA GLY B 76 16.56 -10.75 17.33
C GLY B 76 17.74 -10.00 16.77
N GLU B 77 17.54 -9.18 15.74
CA GLU B 77 18.61 -8.36 15.19
C GLU B 77 18.30 -6.90 15.48
N PRO B 78 19.15 -6.17 16.19
CA PRO B 78 18.79 -4.79 16.56
C PRO B 78 18.77 -3.84 15.38
N GLU B 79 19.62 -4.05 14.37
CA GLU B 79 19.78 -3.10 13.28
C GLU B 79 18.78 -3.36 12.16
N LEU B 80 18.05 -2.32 11.78
CA LEU B 80 17.17 -2.38 10.61
C LEU B 80 17.99 -2.28 9.34
N MET B 81 17.53 -2.96 8.30
CA MET B 81 18.11 -2.81 6.97
C MET B 81 17.25 -1.83 6.19
N ASP B 82 17.83 -0.71 5.80
CA ASP B 82 17.13 0.37 5.11
C ASP B 82 17.56 0.29 3.65
N VAL B 83 16.76 -0.38 2.83
CA VAL B 83 17.14 -0.72 1.47
C VAL B 83 16.56 0.31 0.50
N HIS B 84 17.42 0.99 -0.24
CA HIS B 84 16.98 1.92 -1.27
C HIS B 84 17.00 1.19 -2.61
N VAL B 85 15.85 1.14 -3.26
CA VAL B 85 15.67 0.35 -4.48
C VAL B 85 15.70 1.29 -5.68
N PHE B 86 16.49 0.90 -6.69
CA PHE B 86 16.71 1.67 -7.91
C PHE B 86 16.36 0.81 -9.12
N CYS B 87 15.95 1.48 -10.20
CA CYS B 87 15.66 0.77 -11.44
C CYS B 87 16.35 1.43 -12.62
N THR B 88 16.67 0.60 -13.62
CA THR B 88 17.20 1.06 -14.90
C THR B 88 16.76 0.10 -15.99
N ASP B 89 16.51 0.65 -17.19
CA ASP B 89 16.29 -0.21 -18.35
C ASP B 89 17.45 -0.16 -19.35
N SER B 90 18.10 0.99 -19.49
CA SER B 90 19.19 1.16 -20.44
C SER B 90 20.51 0.94 -19.72
N ILE B 91 21.25 -0.08 -20.15
CA ILE B 91 22.53 -0.43 -19.57
C ILE B 91 23.63 -0.22 -20.61
N GLN B 92 24.85 -0.08 -20.11
CA GLN B 92 26.05 0.02 -20.94
C GLN B 92 26.83 -1.27 -20.73
N GLY B 93 26.95 -2.06 -21.79
CA GLY B 93 27.67 -3.32 -21.73
C GLY B 93 26.74 -4.52 -21.66
N THR B 94 27.36 -5.68 -21.49
CA THR B 94 26.71 -6.96 -21.28
C THR B 94 27.10 -7.52 -19.92
N PRO B 95 26.15 -8.03 -19.13
CA PRO B 95 26.47 -8.48 -17.77
C PRO B 95 27.31 -9.75 -17.78
N VAL B 96 28.23 -9.84 -16.82
CA VAL B 96 29.11 -10.99 -16.69
C VAL B 96 29.19 -11.41 -15.23
N GLU B 97 29.53 -12.67 -15.01
CA GLU B 97 29.58 -13.20 -13.66
C GLU B 97 30.69 -12.53 -12.85
N SER B 98 30.42 -12.33 -11.56
CA SER B 98 31.40 -11.86 -10.60
C SER B 98 31.56 -12.91 -9.50
N ASP B 99 32.42 -12.61 -8.52
CA ASP B 99 32.60 -13.49 -7.38
C ASP B 99 31.35 -13.57 -6.50
N GLU B 100 30.55 -12.52 -6.48
CA GLU B 100 29.42 -12.47 -5.57
C GLU B 100 28.12 -12.95 -6.19
N MET B 101 27.95 -12.77 -7.50
CA MET B 101 26.65 -12.92 -8.15
C MET B 101 26.82 -13.61 -9.50
N ARG B 102 25.91 -14.54 -9.79
CA ARG B 102 25.80 -15.10 -11.13
C ARG B 102 24.60 -14.45 -11.81
N PRO B 103 24.80 -13.55 -12.76
CA PRO B 103 23.65 -12.85 -13.36
C PRO B 103 22.95 -13.70 -14.40
N CYS B 104 21.63 -13.53 -14.46
CA CYS B 104 20.78 -14.26 -15.41
C CYS B 104 19.53 -13.43 -15.69
N TRP B 105 19.16 -13.34 -16.96
CA TRP B 105 17.92 -12.67 -17.33
C TRP B 105 16.74 -13.62 -17.15
N PHE B 106 15.64 -13.09 -16.63
CA PHE B 106 14.40 -13.83 -16.50
C PHE B 106 13.30 -13.10 -17.28
N GLN B 107 12.52 -13.85 -18.04
CA GLN B 107 11.36 -13.22 -18.64
C GLN B 107 10.38 -12.83 -17.54
N LEU B 108 9.62 -11.77 -17.80
CA LEU B 108 8.78 -11.21 -16.76
C LEU B 108 7.68 -12.16 -16.32
N ASP B 109 7.31 -13.14 -17.15
CA ASP B 109 6.30 -14.11 -16.74
C ASP B 109 6.91 -15.35 -16.11
N GLN B 110 8.23 -15.33 -15.85
CA GLN B 110 8.92 -16.44 -15.20
C GLN B 110 9.83 -15.95 -14.08
N ILE B 111 9.45 -14.89 -13.40
CA ILE B 111 10.28 -14.38 -12.30
C ILE B 111 10.28 -15.42 -11.18
N PRO B 112 11.41 -15.84 -10.72
CA PRO B 112 11.52 -17.02 -9.84
C PRO B 112 11.25 -16.73 -8.37
N PHE B 113 9.99 -16.40 -8.05
CA PHE B 113 9.69 -15.88 -6.72
C PHE B 113 9.98 -16.89 -5.62
N LYS B 114 9.83 -18.18 -5.91
CA LYS B 114 10.08 -19.19 -4.89
C LYS B 114 11.55 -19.26 -4.51
N ASP B 115 12.43 -18.78 -5.39
CA ASP B 115 13.87 -18.75 -5.16
C ASP B 115 14.35 -17.32 -4.95
N MET B 116 13.46 -16.45 -4.48
CA MET B 116 13.78 -15.08 -4.11
C MET B 116 13.34 -14.87 -2.66
N TRP B 117 13.80 -13.78 -2.05
CA TRP B 117 13.28 -13.38 -0.75
C TRP B 117 11.75 -13.31 -0.83
N PRO B 118 11.04 -13.81 0.18
CA PRO B 118 9.56 -13.83 0.10
C PRO B 118 8.90 -12.47 -0.06
N ASP B 119 9.53 -11.38 0.39
CA ASP B 119 8.89 -10.06 0.25
C ASP B 119 8.76 -9.65 -1.21
N ASP B 120 9.59 -10.19 -2.10
CA ASP B 120 9.60 -9.72 -3.50
C ASP B 120 8.25 -9.87 -4.18
N SER B 121 7.55 -10.99 -3.93
CA SER B 121 6.23 -11.18 -4.52
C SER B 121 5.23 -10.10 -4.08
N TYR B 122 5.47 -9.46 -2.94
CA TYR B 122 4.57 -8.38 -2.51
C TYR B 122 4.84 -7.09 -3.26
N TRP B 123 6.11 -6.73 -3.48
CA TRP B 123 6.39 -5.39 -4.02
C TRP B 123 6.76 -5.39 -5.49
N PHE B 124 7.10 -6.53 -6.07
CA PHE B 124 7.37 -6.55 -7.51
C PHE B 124 6.20 -6.04 -8.35
N PRO B 125 4.92 -6.30 -8.02
CA PRO B 125 3.85 -5.71 -8.83
C PRO B 125 3.95 -4.19 -8.96
N LEU B 126 4.26 -3.49 -7.86
CA LEU B 126 4.44 -2.04 -7.98
C LEU B 126 5.66 -1.69 -8.82
N LEU B 127 6.76 -2.44 -8.65
CA LEU B 127 7.94 -2.21 -9.49
C LEU B 127 7.60 -2.33 -10.97
N LEU B 128 6.93 -3.42 -11.35
CA LEU B 128 6.64 -3.66 -12.76
C LEU B 128 5.71 -2.62 -13.34
N GLN B 129 4.84 -2.03 -12.52
CA GLN B 129 3.94 -0.99 -12.99
C GLN B 129 4.56 0.41 -12.94
N LYS B 130 5.87 0.50 -12.68
CA LYS B 130 6.58 1.78 -12.60
C LYS B 130 5.94 2.71 -11.58
N LYS B 131 5.50 2.13 -10.46
CA LYS B 131 5.03 2.88 -9.31
C LYS B 131 6.14 2.89 -8.26
N LYS B 132 6.23 4.01 -7.53
CA LYS B 132 7.18 4.16 -6.43
C LYS B 132 6.53 3.71 -5.13
N PHE B 133 7.34 3.24 -4.17
CA PHE B 133 6.75 2.62 -3.00
C PHE B 133 7.64 2.73 -1.78
N HIS B 134 7.01 2.71 -0.62
CA HIS B 134 7.65 2.54 0.68
C HIS B 134 7.14 1.24 1.29
N GLY B 135 8.06 0.37 1.69
CA GLY B 135 7.69 -0.90 2.27
C GLY B 135 8.34 -1.10 3.63
N TYR B 136 7.72 -1.98 4.42
CA TYR B 136 8.27 -2.41 5.69
C TYR B 136 7.91 -3.88 5.84
N PHE B 137 8.89 -4.72 6.17
CA PHE B 137 8.64 -6.14 6.41
C PHE B 137 9.34 -6.55 7.68
N LYS B 138 8.61 -7.20 8.59
CA LYS B 138 9.20 -7.75 9.80
C LYS B 138 9.35 -9.26 9.59
N PHE B 139 10.60 -9.74 9.66
CA PHE B 139 10.94 -11.14 9.41
C PHE B 139 11.25 -11.89 10.70
N GLN B 140 10.90 -13.17 10.72
CA GLN B 140 11.36 -14.12 11.74
C GLN B 140 12.27 -15.10 11.02
N GLY B 141 13.58 -14.94 11.17
CA GLY B 141 14.44 -15.78 10.37
C GLY B 141 14.45 -15.32 8.91
N GLN B 142 14.77 -16.26 8.03
CA GLN B 142 15.01 -15.93 6.64
C GLN B 142 13.79 -16.12 5.74
N ASP B 143 12.78 -16.84 6.19
CA ASP B 143 11.69 -17.25 5.32
C ASP B 143 10.34 -16.69 5.72
N THR B 144 10.19 -16.13 6.91
CA THR B 144 8.88 -15.94 7.51
C THR B 144 8.59 -14.45 7.70
N ILE B 145 7.64 -13.93 6.92
CA ILE B 145 7.15 -12.57 7.12
C ILE B 145 6.08 -12.62 8.21
N LEU B 146 6.30 -11.86 9.28
CA LEU B 146 5.31 -11.80 10.34
C LEU B 146 4.27 -10.71 10.08
N ASP B 147 4.74 -9.52 9.68
CA ASP B 147 3.85 -8.43 9.31
C ASP B 147 4.55 -7.55 8.27
N TYR B 148 3.76 -6.74 7.56
CA TYR B 148 4.32 -5.86 6.55
C TYR B 148 3.39 -4.70 6.25
N THR B 149 3.98 -3.63 5.68
CA THR B 149 3.21 -2.57 5.07
C THR B 149 3.81 -2.24 3.72
N LEU B 150 2.96 -1.80 2.79
CA LEU B 150 3.46 -1.41 1.48
C LEU B 150 2.55 -0.32 0.94
N ARG B 151 3.11 0.84 0.65
CA ARG B 151 2.31 2.00 0.23
C ARG B 151 2.93 2.60 -1.02
N GLU B 152 2.11 2.90 -2.02
CA GLU B 152 2.62 3.65 -3.15
C GLU B 152 2.88 5.08 -2.70
N VAL B 153 3.98 5.66 -3.18
CA VAL B 153 4.36 7.01 -2.80
C VAL B 153 4.64 7.82 -4.06
N ASP B 154 4.61 9.14 -3.89
CA ASP B 154 5.03 10.06 -4.93
C ASP B 154 6.47 10.53 -4.74
N THR B 155 6.97 10.52 -3.51
CA THR B 155 8.38 10.83 -3.23
C THR B 155 8.99 9.64 -2.51
N VAL B 156 10.02 9.03 -3.10
CA VAL B 156 10.74 7.93 -2.46
C VAL B 156 11.55 8.46 -1.28
C01 CJR C . -12.26 -1.46 9.41
N02 CJR C . -12.02 -0.13 8.87
C03 CJR C . -13.10 0.64 8.31
N04 CJR C . -12.92 1.94 8.02
C05 CJR C . -13.90 2.67 7.51
N06 CJR C . -13.66 4.04 7.27
N07 CJR C . -15.08 2.16 7.27
C08 CJR C . -15.32 0.87 7.51
C09 CJR C . -14.31 0.06 8.05
N10 CJR C . -16.64 0.31 7.19
C11 CJR C . -17.10 -0.97 7.76
C12 CJR C . -18.49 -0.95 8.41
N13 CJR C . -19.38 -0.30 7.61
C14 CJR C . -19.03 1.03 7.44
C15 CJR C . -17.73 1.12 6.65
C16 CJR C . -20.65 -0.51 7.93
C17 CJR C . -21.04 -1.45 8.96
O18 CJR C . -22.07 -0.45 9.44
C19 CJR C . -21.40 0.57 8.66
C01 CJR D . 14.68 -9.43 3.63
N02 CJR D . 14.15 -9.31 2.28
C03 CJR D . 14.94 -8.76 1.21
N04 CJR D . 14.46 -8.71 -0.03
C05 CJR D . 15.17 -8.22 -1.03
N06 CJR D . 14.62 -8.20 -2.33
N07 CJR D . 16.37 -7.76 -0.86
C08 CJR D . 16.89 -7.75 0.36
C09 CJR D . 16.19 -8.28 1.46
N10 CJR D . 18.25 -7.23 0.54
C11 CJR D . 18.97 -6.83 -0.67
C12 CJR D . 20.38 -6.26 -0.40
N13 CJR D . 21.13 -7.08 0.37
C14 CJR D . 20.51 -7.38 1.59
C15 CJR D . 19.14 -8.02 1.39
C16 CJR D . 22.31 -6.56 0.59
C17 CJR D . 23.27 -7.17 1.48
O18 CJR D . 24.34 -6.96 0.46
C19 CJR D . 23.32 -6.72 -0.53
#